data_6GRO
#
_entry.id   6GRO
#
_cell.length_a   56.750
_cell.length_b   56.750
_cell.length_c   221.550
_cell.angle_alpha   90.00
_cell.angle_beta   90.00
_cell.angle_gamma   120.00
#
_symmetry.space_group_name_H-M   'P 31 2 1'
#
loop_
_entity.id
_entity.type
_entity.pdbx_description
1 polymer 'Casein kinase I isoform gamma-3'
2 non-polymer 1,2-ETHANEDIOL
3 non-polymer 'CHLORIDE ION'
4 non-polymer 4-[5-(2-azanylpyrimidin-4-yl)-4-(4-fluorophenyl)imidazol-1-yl]cyclohexan-1-ol
5 water water
#
_entity_poly.entity_id   1
_entity_poly.type   'polypeptide(L)'
_entity_poly.pdbx_seq_one_letter_code
;SMGVLMVGPNFRVGKKIGCGNFGELRLGKNLYTNEYVAIKLEPMKSRAPQLHLEYRFYKQLGSGDGIPQVYYFGPCGKYN
AMVLELLGPSLEDLFDLCDRTFSLKTVLMIAIQLISRMEYVHSKNLIYRDVKPENFLIGRPGNKTQQVIHIIDFALAKEY
IDPETKKHIPYREHKSLTGTARYMSINTHLGKEQSRRDDLEALGHMFMYFLRGSLPWQGLKADTLKERYQKIGDTKRATP
IEVLCENFPEMATYLRYVRRLDFFEKPDYDYLRKLFTDLFDRKGYMFDYEYDWIGKQLPTPVGAVQQDPALSSNREAHQH
RDKMQQSKNQ
;
_entity_poly.pdbx_strand_id   A
#
loop_
_chem_comp.id
_chem_comp.type
_chem_comp.name
_chem_comp.formula
CL non-polymer 'CHLORIDE ION' 'Cl -1'
EDO non-polymer 1,2-ETHANEDIOL 'C2 H6 O2'
F92 non-polymer 4-[5-(2-azanylpyrimidin-4-yl)-4-(4-fluorophenyl)imidazol-1-yl]cyclohexan-1-ol 'C19 H20 F N5 O'
#
# COMPACT_ATOMS: atom_id res chain seq x y z
N LEU A 5 -23.57 -10.88 16.91
CA LEU A 5 -22.86 -9.77 16.18
C LEU A 5 -23.05 -9.97 14.67
N MET A 6 -24.14 -9.36 14.19
CA MET A 6 -24.39 -9.22 12.79
C MET A 6 -24.00 -7.80 12.40
N VAL A 7 -23.51 -7.67 11.17
CA VAL A 7 -23.33 -6.41 10.53
C VAL A 7 -24.38 -6.30 9.42
N GLY A 8 -25.16 -5.23 9.46
CA GLY A 8 -26.21 -5.06 8.50
C GLY A 8 -27.22 -6.21 8.54
N PRO A 9 -28.00 -6.40 7.47
CA PRO A 9 -29.02 -7.45 7.44
C PRO A 9 -28.45 -8.87 7.39
N ASN A 10 -27.22 -9.03 6.89
CA ASN A 10 -26.84 -10.30 6.32
C ASN A 10 -25.40 -10.74 6.60
N PHE A 11 -24.57 -9.95 7.29
CA PHE A 11 -23.17 -10.34 7.49
C PHE A 11 -22.93 -10.81 8.93
N ARG A 12 -22.56 -12.08 9.07
CA ARG A 12 -22.23 -12.62 10.39
CA ARG A 12 -22.22 -12.64 10.38
C ARG A 12 -20.76 -12.34 10.67
N VAL A 13 -20.48 -11.87 11.88
CA VAL A 13 -19.13 -11.58 12.33
C VAL A 13 -18.54 -12.83 13.01
N GLY A 14 -17.36 -13.24 12.55
CA GLY A 14 -16.66 -14.40 13.09
C GLY A 14 -15.34 -14.02 13.75
N LYS A 15 -14.34 -14.89 13.60
CA LYS A 15 -13.08 -14.81 14.38
C LYS A 15 -12.20 -13.63 13.95
N LYS A 16 -11.35 -13.19 14.88
CA LYS A 16 -10.34 -12.15 14.63
C LYS A 16 -9.36 -12.60 13.54
N ILE A 17 -8.94 -11.68 12.66
CA ILE A 17 -7.89 -12.00 11.66
C ILE A 17 -6.73 -10.98 11.63
N GLY A 18 -6.89 -9.73 12.13
CA GLY A 18 -5.72 -8.75 12.03
C GLY A 18 -6.01 -7.31 12.47
N CYS A 19 -5.08 -6.40 12.11
CA CYS A 19 -5.14 -4.96 12.46
CA CYS A 19 -5.13 -4.96 12.47
C CYS A 19 -4.77 -4.09 11.25
N GLY A 20 -5.33 -2.86 11.23
CA GLY A 20 -5.06 -1.83 10.17
C GLY A 20 -5.13 -0.40 10.73
N ASN A 21 -5.11 0.58 9.81
CA ASN A 21 -5.23 2.01 10.16
C ASN A 21 -6.64 2.30 10.72
N PHE A 22 -6.73 2.57 12.03
CA PHE A 22 -7.99 3.03 12.72
C PHE A 22 -9.10 1.97 12.60
N GLY A 23 -8.74 0.72 12.91
CA GLY A 23 -9.71 -0.38 12.98
C GLY A 23 -9.07 -1.76 13.06
N GLU A 24 -9.87 -2.73 13.52
CA GLU A 24 -9.56 -4.17 13.82
C GLU A 24 -10.35 -5.09 12.89
N LEU A 25 -9.91 -6.37 12.70
CA LEU A 25 -10.33 -7.20 11.56
C LEU A 25 -10.86 -8.57 11.96
N ARG A 26 -12.05 -8.92 11.42
CA ARG A 26 -12.69 -10.21 11.67
CA ARG A 26 -12.65 -10.23 11.66
C ARG A 26 -13.03 -10.86 10.32
N LEU A 27 -13.04 -12.19 10.31
CA LEU A 27 -13.64 -12.93 9.25
C LEU A 27 -15.16 -12.73 9.38
N GLY A 28 -15.85 -12.59 8.24
CA GLY A 28 -17.29 -12.59 8.26
C GLY A 28 -17.84 -13.46 7.16
N LYS A 29 -19.16 -13.59 7.16
CA LYS A 29 -19.82 -14.35 6.13
C LYS A 29 -21.10 -13.64 5.73
N ASN A 30 -21.27 -13.47 4.41
CA ASN A 30 -22.54 -13.04 3.87
C ASN A 30 -23.46 -14.25 3.90
N LEU A 31 -24.39 -14.27 4.85
CA LEU A 31 -25.28 -15.42 4.97
C LEU A 31 -26.23 -15.57 3.76
N TYR A 32 -26.54 -14.46 3.10
CA TYR A 32 -27.44 -14.51 1.97
C TYR A 32 -26.80 -15.17 0.75
N THR A 33 -25.47 -15.10 0.63
CA THR A 33 -24.78 -15.54 -0.58
C THR A 33 -23.77 -16.67 -0.31
N ASN A 34 -23.59 -17.05 0.95
CA ASN A 34 -22.67 -18.12 1.30
C ASN A 34 -21.24 -17.75 0.88
N GLU A 35 -20.86 -16.48 1.09
CA GLU A 35 -19.54 -15.99 0.71
C GLU A 35 -18.87 -15.39 1.94
N TYR A 36 -17.61 -15.75 2.15
CA TYR A 36 -16.82 -15.13 3.21
C TYR A 36 -16.41 -13.72 2.78
N VAL A 37 -16.24 -12.87 3.79
CA VAL A 37 -15.86 -11.47 3.66
C VAL A 37 -14.90 -11.14 4.79
N ALA A 38 -14.29 -9.96 4.71
CA ALA A 38 -13.49 -9.39 5.80
C ALA A 38 -14.25 -8.20 6.38
N ILE A 39 -14.19 -8.04 7.70
CA ILE A 39 -14.89 -6.99 8.41
C ILE A 39 -13.89 -6.20 9.24
N LYS A 40 -13.88 -4.88 9.03
CA LYS A 40 -13.07 -3.94 9.84
C LYS A 40 -14.02 -3.22 10.79
N LEU A 41 -13.65 -3.25 12.08
CA LEU A 41 -14.43 -2.63 13.14
C LEU A 41 -13.63 -1.49 13.76
N GLU A 42 -14.31 -0.35 13.93
CA GLU A 42 -13.77 0.78 14.62
C GLU A 42 -14.67 1.12 15.79
N PRO A 43 -14.15 1.24 17.03
CA PRO A 43 -14.99 1.59 18.16
C PRO A 43 -15.67 2.94 17.87
N MET A 44 -16.98 3.03 18.14
CA MET A 44 -17.68 4.29 18.01
C MET A 44 -17.09 5.36 18.96
N LYS A 45 -16.48 4.94 20.07
CA LYS A 45 -15.92 5.85 21.05
C LYS A 45 -14.54 6.37 20.61
N SER A 46 -14.06 5.99 19.44
CA SER A 46 -12.73 6.42 18.96
C SER A 46 -12.59 7.94 19.08
N ARG A 47 -11.43 8.39 19.59
CA ARG A 47 -11.12 9.81 19.64
C ARG A 47 -10.76 10.29 18.22
N ALA A 48 -10.28 9.38 17.36
CA ALA A 48 -9.76 9.71 16.02
C ALA A 48 -10.35 8.76 14.97
N PRO A 49 -11.65 8.95 14.63
CA PRO A 49 -12.38 8.01 13.75
C PRO A 49 -11.98 8.17 12.29
N GLN A 50 -11.59 7.05 11.67
CA GLN A 50 -11.10 7.02 10.31
C GLN A 50 -11.95 6.12 9.39
N LEU A 51 -12.85 5.28 9.91
CA LEU A 51 -13.42 4.21 9.03
C LEU A 51 -14.38 4.77 7.96
N HIS A 52 -15.22 5.74 8.31
CA HIS A 52 -16.20 6.27 7.36
CA HIS A 52 -16.21 6.28 7.37
C HIS A 52 -15.49 7.00 6.20
N LEU A 53 -14.38 7.67 6.50
CA LEU A 53 -13.70 8.40 5.42
C LEU A 53 -13.06 7.37 4.49
N GLU A 54 -12.62 6.25 5.07
CA GLU A 54 -12.03 5.18 4.30
C GLU A 54 -13.06 4.55 3.35
N TYR A 55 -14.27 4.33 3.86
CA TYR A 55 -15.33 3.83 3.07
C TYR A 55 -15.56 4.72 1.84
N ARG A 56 -15.54 6.03 2.06
CA ARG A 56 -15.74 7.01 0.98
C ARG A 56 -14.66 6.90 -0.09
N PHE A 57 -13.40 6.70 0.36
CA PHE A 57 -12.31 6.53 -0.59
C PHE A 57 -12.48 5.26 -1.42
N TYR A 58 -12.87 4.13 -0.79
CA TYR A 58 -13.09 2.89 -1.55
C TYR A 58 -14.18 3.12 -2.61
N LYS A 59 -15.24 3.83 -2.23
CA LYS A 59 -16.33 4.11 -3.16
C LYS A 59 -15.81 5.00 -4.30
N GLN A 60 -14.91 5.94 -3.99
CA GLN A 60 -14.34 6.84 -5.00
C GLN A 60 -13.49 6.05 -6.00
N LEU A 61 -12.89 4.94 -5.54
CA LEU A 61 -12.05 4.12 -6.40
C LEU A 61 -12.89 3.28 -7.36
N GLY A 62 -14.17 3.08 -7.02
CA GLY A 62 -14.97 2.00 -7.61
C GLY A 62 -14.24 0.68 -7.42
N SER A 63 -14.36 -0.21 -8.40
CA SER A 63 -13.41 -1.26 -8.53
C SER A 63 -12.71 -1.04 -9.86
N GLY A 64 -11.38 -1.01 -9.73
CA GLY A 64 -10.53 -1.39 -10.75
C GLY A 64 -9.89 -2.71 -10.39
N ASP A 65 -8.96 -3.08 -11.24
CA ASP A 65 -8.16 -4.25 -11.07
C ASP A 65 -7.46 -4.12 -9.73
N GLY A 66 -7.54 -5.15 -8.87
CA GLY A 66 -6.72 -5.13 -7.66
C GLY A 66 -7.28 -4.19 -6.60
N ILE A 67 -8.51 -3.67 -6.79
CA ILE A 67 -9.18 -2.86 -5.77
C ILE A 67 -10.22 -3.76 -5.12
N PRO A 68 -10.12 -4.03 -3.80
CA PRO A 68 -11.11 -4.88 -3.13
C PRO A 68 -12.50 -4.26 -3.22
N GLN A 69 -13.52 -5.09 -3.41
CA GLN A 69 -14.89 -4.62 -3.44
C GLN A 69 -15.35 -4.36 -1.99
N VAL A 70 -16.06 -3.25 -1.78
CA VAL A 70 -16.63 -2.91 -0.48
C VAL A 70 -18.13 -3.18 -0.57
N TYR A 71 -18.68 -3.84 0.45
CA TYR A 71 -20.05 -4.30 0.43
C TYR A 71 -20.98 -3.56 1.39
N TYR A 72 -20.45 -3.00 2.46
CA TYR A 72 -21.32 -2.43 3.50
CA TYR A 72 -21.32 -2.41 3.47
C TYR A 72 -20.51 -1.54 4.43
N PHE A 73 -21.18 -0.48 4.92
CA PHE A 73 -20.69 0.29 6.02
C PHE A 73 -21.87 0.54 6.94
N GLY A 74 -21.70 0.25 8.22
CA GLY A 74 -22.76 0.56 9.15
C GLY A 74 -22.44 0.14 10.57
N PRO A 75 -23.33 0.45 11.50
CA PRO A 75 -23.09 0.18 12.91
C PRO A 75 -23.23 -1.30 13.23
N CYS A 76 -22.47 -1.73 14.24
CA CYS A 76 -22.43 -3.07 14.75
C CYS A 76 -22.09 -3.05 16.24
N GLY A 77 -23.10 -3.21 17.10
CA GLY A 77 -22.94 -2.95 18.54
C GLY A 77 -22.27 -1.61 18.79
N LYS A 78 -21.15 -1.63 19.51
CA LYS A 78 -20.44 -0.38 19.88
C LYS A 78 -19.35 -0.03 18.84
N TYR A 79 -19.46 -0.59 17.64
CA TYR A 79 -18.50 -0.37 16.58
C TYR A 79 -19.19 0.18 15.34
N ASN A 80 -18.42 0.91 14.52
CA ASN A 80 -18.72 1.11 13.12
C ASN A 80 -18.00 0.00 12.36
N ALA A 81 -18.65 -0.56 11.34
CA ALA A 81 -18.13 -1.70 10.62
C ALA A 81 -18.14 -1.45 9.11
N MET A 82 -17.09 -1.96 8.47
CA MET A 82 -16.99 -1.93 7.03
C MET A 82 -16.72 -3.36 6.56
N VAL A 83 -17.46 -3.78 5.52
CA VAL A 83 -17.36 -5.13 5.00
C VAL A 83 -16.71 -5.09 3.61
N LEU A 84 -15.64 -5.86 3.46
CA LEU A 84 -14.81 -5.89 2.26
C LEU A 84 -14.73 -7.31 1.74
N GLU A 85 -14.41 -7.41 0.44
CA GLU A 85 -13.97 -8.64 -0.18
C GLU A 85 -12.84 -9.26 0.66
N LEU A 86 -12.95 -10.57 0.93
CA LEU A 86 -11.89 -11.28 1.62
C LEU A 86 -10.75 -11.57 0.64
N LEU A 87 -9.53 -11.26 1.06
CA LEU A 87 -8.33 -11.45 0.28
C LEU A 87 -7.43 -12.47 0.98
N GLY A 88 -6.30 -12.75 0.33
CA GLY A 88 -5.33 -13.67 0.84
C GLY A 88 -4.22 -12.97 1.60
N PRO A 89 -3.07 -13.65 1.78
CA PRO A 89 -1.98 -13.10 2.58
C PRO A 89 -1.38 -11.80 2.02
N SER A 90 -0.80 -11.01 2.92
CA SER A 90 -0.09 -9.80 2.51
C SER A 90 1.29 -10.16 1.94
N LEU A 91 1.87 -9.19 1.23
CA LEU A 91 3.24 -9.35 0.76
C LEU A 91 4.22 -9.52 1.93
N GLU A 92 3.97 -8.91 3.08
CA GLU A 92 4.84 -9.12 4.23
C GLU A 92 4.76 -10.59 4.70
N ASP A 93 3.54 -11.12 4.81
CA ASP A 93 3.36 -12.54 5.18
C ASP A 93 4.11 -13.43 4.18
N LEU A 94 3.96 -13.14 2.88
CA LEU A 94 4.57 -13.99 1.85
C LEU A 94 6.08 -13.81 1.88
N PHE A 95 6.56 -12.59 2.19
CA PHE A 95 7.98 -12.35 2.31
C PHE A 95 8.58 -13.24 3.42
N ASP A 96 7.91 -13.25 4.58
CA ASP A 96 8.30 -14.14 5.70
C ASP A 96 8.33 -15.61 5.23
N LEU A 97 7.33 -16.03 4.46
CA LEU A 97 7.26 -17.43 3.98
C LEU A 97 8.45 -17.75 3.06
N CYS A 98 8.98 -16.71 2.39
CA CYS A 98 10.07 -16.85 1.41
C CYS A 98 11.43 -16.45 2.01
N ASP A 99 11.54 -16.48 3.35
CA ASP A 99 12.82 -16.27 4.08
C ASP A 99 13.35 -14.84 3.86
N ARG A 100 12.43 -13.92 3.61
CA ARG A 100 12.69 -12.48 3.64
C ARG A 100 13.73 -12.08 2.58
N THR A 101 13.60 -12.68 1.40
CA THR A 101 14.11 -12.13 0.17
C THR A 101 13.15 -12.58 -0.93
N PHE A 102 12.90 -11.71 -1.91
CA PHE A 102 12.24 -12.14 -3.13
C PHE A 102 13.20 -12.09 -4.30
N SER A 103 12.99 -13.00 -5.26
CA SER A 103 13.70 -13.00 -6.55
C SER A 103 13.38 -11.72 -7.34
N LEU A 104 14.28 -11.36 -8.25
CA LEU A 104 14.03 -10.24 -9.15
C LEU A 104 12.74 -10.48 -9.95
N LYS A 105 12.53 -11.71 -10.41
CA LYS A 105 11.34 -11.97 -11.19
C LYS A 105 10.08 -11.64 -10.38
N THR A 106 10.02 -12.10 -9.12
CA THR A 106 8.85 -11.84 -8.29
C THR A 106 8.72 -10.33 -8.03
N VAL A 107 9.83 -9.65 -7.73
CA VAL A 107 9.74 -8.23 -7.46
C VAL A 107 9.26 -7.47 -8.70
N LEU A 108 9.73 -7.86 -9.90
CA LEU A 108 9.27 -7.18 -11.10
C LEU A 108 7.78 -7.45 -11.38
N MET A 109 7.30 -8.68 -11.18
CA MET A 109 5.86 -8.92 -11.36
C MET A 109 5.07 -8.06 -10.38
N ILE A 110 5.53 -7.95 -9.13
CA ILE A 110 4.88 -7.08 -8.17
C ILE A 110 4.94 -5.63 -8.65
N ALA A 111 6.14 -5.18 -9.04
CA ALA A 111 6.34 -3.76 -9.33
C ALA A 111 5.52 -3.31 -10.54
N ILE A 112 5.52 -4.12 -11.59
CA ILE A 112 4.77 -3.78 -12.78
C ILE A 112 3.29 -3.59 -12.41
N GLN A 113 2.74 -4.52 -11.62
CA GLN A 113 1.37 -4.40 -11.18
C GLN A 113 1.14 -3.16 -10.30
N LEU A 114 2.06 -2.90 -9.35
CA LEU A 114 1.80 -1.83 -8.39
C LEU A 114 2.02 -0.43 -8.98
N ILE A 115 2.87 -0.29 -10.01
CA ILE A 115 2.90 1.00 -10.73
C ILE A 115 1.51 1.26 -11.32
N SER A 116 0.90 0.23 -11.94
CA SER A 116 -0.44 0.36 -12.50
C SER A 116 -1.50 0.61 -11.40
N ARG A 117 -1.37 -0.09 -10.28
CA ARG A 117 -2.31 0.07 -9.18
C ARG A 117 -2.28 1.53 -8.69
N MET A 118 -1.07 2.07 -8.54
CA MET A 118 -0.92 3.41 -8.04
C MET A 118 -1.39 4.42 -9.09
N GLU A 119 -1.10 4.16 -10.36
CA GLU A 119 -1.62 5.02 -11.42
C GLU A 119 -3.14 5.07 -11.37
N TYR A 120 -3.77 3.93 -11.10
CA TYR A 120 -5.23 3.89 -10.99
C TYR A 120 -5.72 4.77 -9.83
N VAL A 121 -5.12 4.57 -8.66
CA VAL A 121 -5.45 5.40 -7.47
C VAL A 121 -5.32 6.89 -7.82
N HIS A 122 -4.20 7.26 -8.42
CA HIS A 122 -3.96 8.64 -8.79
C HIS A 122 -4.99 9.14 -9.82
N SER A 123 -5.46 8.25 -10.71
CA SER A 123 -6.45 8.62 -11.72
C SER A 123 -7.81 8.95 -11.09
N LYS A 124 -8.05 8.48 -9.85
CA LYS A 124 -9.27 8.78 -9.11
C LYS A 124 -9.04 9.95 -8.13
N ASN A 125 -7.95 10.70 -8.36
CA ASN A 125 -7.68 11.96 -7.70
C ASN A 125 -7.25 11.75 -6.25
N LEU A 126 -6.76 10.55 -5.93
CA LEU A 126 -6.26 10.25 -4.60
C LEU A 126 -4.75 9.97 -4.62
N ILE A 127 -4.11 10.35 -3.52
CA ILE A 127 -2.80 9.83 -3.17
CA ILE A 127 -2.81 9.84 -3.17
C ILE A 127 -2.97 8.93 -1.95
N TYR A 128 -2.12 7.90 -1.91
CA TYR A 128 -2.31 6.77 -1.02
C TYR A 128 -1.69 6.96 0.37
N ARG A 129 -0.37 7.24 0.39
CA ARG A 129 0.34 7.72 1.59
C ARG A 129 0.52 6.63 2.66
N ASP A 130 0.35 5.34 2.34
CA ASP A 130 0.64 4.30 3.32
C ASP A 130 1.21 3.05 2.64
N VAL A 131 2.14 3.25 1.72
CA VAL A 131 2.85 2.13 1.12
C VAL A 131 3.60 1.33 2.19
N LYS A 132 3.32 0.03 2.24
CA LYS A 132 4.03 -0.94 3.06
C LYS A 132 3.60 -2.32 2.58
N PRO A 133 4.43 -3.36 2.77
CA PRO A 133 4.07 -4.68 2.27
C PRO A 133 2.83 -5.29 2.91
N GLU A 134 2.52 -4.84 4.12
CA GLU A 134 1.34 -5.32 4.85
C GLU A 134 0.02 -4.88 4.18
N ASN A 135 0.09 -3.88 3.29
CA ASN A 135 -1.10 -3.32 2.69
C ASN A 135 -1.31 -3.77 1.23
N PHE A 136 -0.52 -4.75 0.79
CA PHE A 136 -0.69 -5.35 -0.55
C PHE A 136 -0.93 -6.84 -0.38
N LEU A 137 -2.10 -7.29 -0.81
CA LEU A 137 -2.55 -8.66 -0.54
C LEU A 137 -2.85 -9.36 -1.87
N ILE A 138 -2.44 -10.63 -1.96
CA ILE A 138 -2.91 -11.46 -3.05
C ILE A 138 -4.39 -11.80 -2.82
N GLY A 139 -5.02 -12.32 -3.87
CA GLY A 139 -6.36 -12.86 -3.75
C GLY A 139 -6.39 -14.19 -3.00
N ARG A 140 -7.60 -14.74 -2.87
CA ARG A 140 -7.77 -16.01 -2.14
C ARG A 140 -7.39 -17.23 -2.97
N PRO A 141 -6.90 -18.30 -2.29
CA PRO A 141 -6.55 -19.56 -2.94
C PRO A 141 -7.70 -20.13 -3.78
N GLY A 142 -7.40 -20.56 -5.00
CA GLY A 142 -8.41 -21.11 -5.92
C GLY A 142 -9.41 -20.05 -6.34
N ASN A 143 -9.12 -18.79 -6.00
CA ASN A 143 -9.86 -17.64 -6.49
C ASN A 143 -9.30 -17.28 -7.87
N LYS A 144 -10.20 -16.71 -8.70
CA LYS A 144 -9.81 -16.17 -10.01
C LYS A 144 -8.71 -15.12 -9.85
N THR A 145 -8.47 -14.62 -8.61
CA THR A 145 -7.62 -13.46 -8.36
C THR A 145 -6.50 -13.73 -7.34
N GLN A 146 -6.14 -15.00 -7.04
CA GLN A 146 -4.97 -15.24 -6.13
C GLN A 146 -3.68 -14.68 -6.74
N GLN A 147 -3.67 -14.50 -8.05
CA GLN A 147 -2.49 -14.05 -8.74
CA GLN A 147 -2.49 -14.04 -8.75
C GLN A 147 -2.34 -12.52 -8.63
N VAL A 148 -3.44 -11.82 -8.34
CA VAL A 148 -3.50 -10.36 -8.45
C VAL A 148 -3.05 -9.74 -7.12
N ILE A 149 -2.16 -8.75 -7.20
CA ILE A 149 -1.76 -7.97 -6.03
C ILE A 149 -2.78 -6.83 -5.85
N HIS A 150 -3.48 -6.88 -4.73
CA HIS A 150 -4.49 -5.89 -4.37
C HIS A 150 -3.88 -4.85 -3.40
N ILE A 151 -4.52 -3.68 -3.37
CA ILE A 151 -4.19 -2.61 -2.42
C ILE A 151 -5.34 -2.43 -1.43
N ILE A 152 -5.00 -2.37 -0.13
CA ILE A 152 -5.94 -2.17 0.96
C ILE A 152 -5.49 -0.99 1.83
N ASP A 153 -6.41 -0.55 2.69
CA ASP A 153 -6.17 0.42 3.75
C ASP A 153 -5.94 1.84 3.19
N PHE A 154 -7.06 2.54 3.02
CA PHE A 154 -7.09 3.89 2.48
C PHE A 154 -7.36 4.93 3.56
N ALA A 155 -7.13 4.57 4.83
CA ALA A 155 -7.39 5.49 5.93
C ALA A 155 -6.49 6.75 5.85
N LEU A 156 -5.31 6.62 5.26
CA LEU A 156 -4.36 7.73 5.20
C LEU A 156 -4.37 8.44 3.85
N ALA A 157 -5.28 8.07 2.92
CA ALA A 157 -5.33 8.68 1.62
C ALA A 157 -5.80 10.13 1.69
N LYS A 158 -5.59 10.84 0.58
CA LYS A 158 -5.96 12.23 0.47
C LYS A 158 -6.31 12.55 -0.98
N GLU A 159 -7.32 13.40 -1.15
CA GLU A 159 -7.65 13.92 -2.46
C GLU A 159 -6.58 14.97 -2.81
N TYR A 160 -5.87 14.78 -3.94
CA TYR A 160 -4.79 15.73 -4.32
C TYR A 160 -5.27 16.68 -5.42
N ILE A 161 -6.48 16.46 -5.93
CA ILE A 161 -7.17 17.39 -6.80
C ILE A 161 -8.38 17.88 -6.01
N ASP A 162 -8.43 19.18 -5.78
CA ASP A 162 -9.48 19.75 -5.00
C ASP A 162 -10.74 19.71 -5.84
N PRO A 163 -11.85 19.10 -5.35
CA PRO A 163 -13.04 18.95 -6.16
C PRO A 163 -13.73 20.30 -6.45
N GLU A 164 -13.52 21.29 -5.56
CA GLU A 164 -14.03 22.66 -5.76
C GLU A 164 -13.32 23.34 -6.95
N THR A 165 -11.99 23.28 -7.00
CA THR A 165 -11.17 24.07 -7.96
C THR A 165 -10.81 23.24 -9.21
N LYS A 166 -10.81 21.90 -9.06
CA LYS A 166 -10.27 20.99 -10.09
C LYS A 166 -8.75 21.16 -10.20
N LYS A 167 -8.14 21.85 -9.24
CA LYS A 167 -6.73 22.16 -9.27
C LYS A 167 -6.00 21.22 -8.28
N HIS A 168 -4.74 20.94 -8.58
CA HIS A 168 -3.84 20.22 -7.68
C HIS A 168 -3.79 20.97 -6.35
N ILE A 169 -3.74 20.22 -5.26
CA ILE A 169 -3.57 20.83 -3.92
C ILE A 169 -2.28 21.64 -3.89
N PRO A 170 -2.25 22.75 -3.13
CA PRO A 170 -1.04 23.55 -3.05
C PRO A 170 0.09 22.83 -2.30
N TYR A 171 1.31 23.24 -2.63
CA TYR A 171 2.45 22.85 -1.84
C TYR A 171 2.33 23.50 -0.44
N ARG A 172 2.69 22.73 0.59
CA ARG A 172 2.85 23.27 1.95
C ARG A 172 3.65 22.26 2.78
N GLU A 173 3.97 22.66 4.02
CA GLU A 173 4.74 21.82 4.94
C GLU A 173 3.82 21.49 6.15
N HIS A 174 4.03 20.31 6.78
CA HIS A 174 3.23 19.77 7.88
C HIS A 174 4.11 19.38 9.07
N LYS A 175 3.53 19.51 10.28
CA LYS A 175 4.18 19.08 11.54
C LYS A 175 4.15 17.54 11.65
N SER A 176 3.00 16.93 11.31
CA SER A 176 2.82 15.49 11.44
C SER A 176 3.05 14.80 10.09
N LEU A 177 3.76 13.67 10.13
CA LEU A 177 4.13 12.90 8.95
C LEU A 177 3.21 11.68 8.77
N THR A 178 2.77 11.47 7.54
CA THR A 178 1.83 10.42 7.22
C THR A 178 2.58 9.24 6.62
N GLY A 179 2.28 8.05 7.13
CA GLY A 179 2.76 6.82 6.53
C GLY A 179 3.75 6.06 7.39
N THR A 180 4.26 4.98 6.81
CA THR A 180 5.16 4.10 7.49
C THR A 180 6.60 4.57 7.28
N ALA A 181 7.31 4.80 8.39
CA ALA A 181 8.66 5.41 8.34
C ALA A 181 9.64 4.63 7.44
N ARG A 182 9.60 3.29 7.47
CA ARG A 182 10.59 2.50 6.70
C ARG A 182 10.51 2.83 5.20
N TYR A 183 9.31 3.14 4.69
CA TYR A 183 9.11 3.26 3.25
C TYR A 183 8.95 4.71 2.78
N MET A 184 8.63 5.63 3.68
CA MET A 184 8.23 6.94 3.19
CA MET A 184 8.36 7.06 3.41
C MET A 184 9.37 7.64 2.42
N SER A 185 8.92 8.51 1.52
CA SER A 185 9.85 9.29 0.69
C SER A 185 10.71 10.23 1.56
N ILE A 186 11.83 10.65 0.98
CA ILE A 186 12.67 11.63 1.67
C ILE A 186 11.87 12.91 1.95
N ASN A 187 11.09 13.36 0.96
CA ASN A 187 10.34 14.61 1.14
C ASN A 187 9.29 14.45 2.26
N THR A 188 8.73 13.26 2.42
CA THR A 188 7.79 13.04 3.51
C THR A 188 8.48 13.31 4.85
N HIS A 189 9.71 12.83 4.99
CA HIS A 189 10.47 13.04 6.24
C HIS A 189 10.67 14.52 6.57
N LEU A 190 10.77 15.35 5.52
CA LEU A 190 10.99 16.78 5.65
C LEU A 190 9.69 17.54 5.93
N GLY A 191 8.57 16.83 6.12
CA GLY A 191 7.31 17.49 6.47
C GLY A 191 6.60 18.08 5.28
N LYS A 192 7.00 17.71 4.06
CA LYS A 192 6.33 18.23 2.88
C LYS A 192 4.99 17.52 2.70
N GLU A 193 4.02 18.26 2.20
CA GLU A 193 2.79 17.67 1.62
C GLU A 193 3.22 16.57 0.65
N GLN A 194 2.60 15.38 0.76
CA GLN A 194 2.85 14.32 -0.17
C GLN A 194 2.03 14.52 -1.43
N SER A 195 2.57 14.05 -2.54
CA SER A 195 1.86 14.07 -3.82
C SER A 195 2.17 12.77 -4.58
N ARG A 196 1.88 12.74 -5.89
CA ARG A 196 1.95 11.46 -6.58
C ARG A 196 3.38 10.88 -6.52
N ARG A 197 4.38 11.75 -6.64
CA ARG A 197 5.78 11.33 -6.59
C ARG A 197 6.07 10.47 -5.34
N ASP A 198 5.50 10.86 -4.20
CA ASP A 198 5.86 10.25 -2.93
C ASP A 198 5.36 8.81 -2.84
N ASP A 199 4.20 8.52 -3.43
CA ASP A 199 3.68 7.17 -3.48
C ASP A 199 4.62 6.29 -4.31
N LEU A 200 5.12 6.82 -5.44
CA LEU A 200 5.99 6.01 -6.27
C LEU A 200 7.38 5.82 -5.63
N GLU A 201 7.88 6.84 -4.93
CA GLU A 201 9.15 6.67 -4.21
C GLU A 201 9.03 5.60 -3.13
N ALA A 202 7.94 5.66 -2.35
CA ALA A 202 7.73 4.66 -1.32
C ALA A 202 7.66 3.23 -1.91
N LEU A 203 6.99 3.07 -3.07
CA LEU A 203 7.01 1.79 -3.74
C LEU A 203 8.47 1.38 -4.04
N GLY A 204 9.27 2.31 -4.56
CA GLY A 204 10.67 2.00 -4.84
C GLY A 204 11.43 1.51 -3.61
N HIS A 205 11.22 2.18 -2.48
CA HIS A 205 11.84 1.72 -1.24
C HIS A 205 11.38 0.28 -0.92
N MET A 206 10.07 0.02 -1.06
CA MET A 206 9.56 -1.33 -0.81
C MET A 206 10.17 -2.37 -1.76
N PHE A 207 10.31 -2.02 -3.04
CA PHE A 207 10.93 -2.96 -3.99
C PHE A 207 12.35 -3.31 -3.54
N MET A 208 13.10 -2.30 -3.09
CA MET A 208 14.47 -2.55 -2.66
C MET A 208 14.56 -3.38 -1.37
N TYR A 209 13.60 -3.15 -0.46
CA TYR A 209 13.44 -3.96 0.73
C TYR A 209 13.29 -5.43 0.33
N PHE A 210 12.41 -5.71 -0.63
CA PHE A 210 12.22 -7.10 -1.06
C PHE A 210 13.48 -7.70 -1.69
N LEU A 211 14.21 -6.93 -2.50
CA LEU A 211 15.35 -7.46 -3.23
C LEU A 211 16.55 -7.69 -2.30
N ARG A 212 16.76 -6.74 -1.38
CA ARG A 212 17.91 -6.79 -0.49
C ARG A 212 17.66 -7.67 0.73
N GLY A 213 16.40 -7.75 1.15
CA GLY A 213 16.05 -8.41 2.42
C GLY A 213 15.81 -7.46 3.57
N SER A 214 16.29 -6.21 3.40
CA SER A 214 16.20 -5.18 4.40
C SER A 214 16.60 -3.85 3.76
N LEU A 215 16.29 -2.76 4.46
CA LEU A 215 16.76 -1.43 4.10
C LEU A 215 17.75 -0.94 5.14
N PRO A 216 18.73 -0.11 4.75
CA PRO A 216 19.81 0.23 5.68
C PRO A 216 19.41 1.16 6.85
N TRP A 217 18.22 1.72 6.81
CA TRP A 217 17.72 2.55 7.86
C TRP A 217 16.75 1.80 8.77
N GLN A 218 16.68 0.47 8.67
CA GLN A 218 15.73 -0.30 9.44
C GLN A 218 15.99 -0.33 10.94
N GLY A 219 17.26 -0.34 11.37
CA GLY A 219 17.60 -0.66 12.77
C GLY A 219 17.65 0.56 13.69
N LEU A 220 17.10 1.70 13.25
CA LEU A 220 17.30 2.94 13.96
C LEU A 220 16.20 3.14 15.01
N LYS A 221 16.67 3.53 16.20
CA LYS A 221 15.84 3.79 17.36
C LYS A 221 16.20 5.18 17.91
N ALA A 222 15.29 5.76 18.68
CA ALA A 222 15.52 7.03 19.36
C ALA A 222 14.57 7.16 20.55
N ASP A 223 14.77 8.21 21.34
CA ASP A 223 14.02 8.48 22.57
C ASP A 223 12.62 9.01 22.24
N THR A 224 12.46 9.64 21.07
CA THR A 224 11.17 10.12 20.61
C THR A 224 10.93 9.61 19.19
N LEU A 225 9.64 9.46 18.86
CA LEU A 225 9.24 9.07 17.52
C LEU A 225 9.78 10.10 16.52
N LYS A 226 9.69 11.39 16.86
CA LYS A 226 10.15 12.43 15.97
C LYS A 226 11.64 12.25 15.65
N GLU A 227 12.46 11.98 16.67
CA GLU A 227 13.90 11.79 16.47
C GLU A 227 14.17 10.53 15.64
N ARG A 228 13.39 9.46 15.89
CA ARG A 228 13.54 8.22 15.14
C ARG A 228 13.29 8.49 13.66
N TYR A 229 12.18 9.19 13.34
CA TYR A 229 11.87 9.47 11.95
C TYR A 229 12.96 10.35 11.34
N GLN A 230 13.49 11.29 12.12
CA GLN A 230 14.53 12.19 11.64
CA GLN A 230 14.54 12.19 11.68
C GLN A 230 15.77 11.37 11.27
N LYS A 231 16.18 10.45 12.15
CA LYS A 231 17.38 9.62 11.89
C LYS A 231 17.19 8.78 10.63
N ILE A 232 16.01 8.17 10.48
CA ILE A 232 15.70 7.38 9.27
C ILE A 232 15.81 8.25 8.02
N GLY A 233 15.20 9.46 8.07
CA GLY A 233 15.29 10.37 6.93
C GLY A 233 16.72 10.76 6.62
N ASP A 234 17.50 11.00 7.68
CA ASP A 234 18.92 11.35 7.53
C ASP A 234 19.69 10.24 6.82
N THR A 235 19.41 8.99 7.20
CA THR A 235 20.08 7.85 6.58
C THR A 235 19.64 7.69 5.11
N LYS A 236 18.36 7.92 4.82
CA LYS A 236 17.89 7.89 3.43
C LYS A 236 18.65 8.92 2.59
N ARG A 237 18.79 10.14 3.12
CA ARG A 237 19.48 11.22 2.39
CA ARG A 237 19.47 11.20 2.37
C ARG A 237 20.96 10.88 2.21
N ALA A 238 21.54 10.19 3.19
CA ALA A 238 22.97 9.92 3.24
C ALA A 238 23.35 8.68 2.42
N THR A 239 22.36 7.90 2.01
CA THR A 239 22.62 6.64 1.28
C THR A 239 22.50 6.90 -0.22
N PRO A 240 23.60 6.90 -0.98
CA PRO A 240 23.49 7.10 -2.42
C PRO A 240 22.62 6.03 -3.07
N ILE A 241 21.85 6.43 -4.08
CA ILE A 241 21.01 5.51 -4.81
C ILE A 241 21.86 4.39 -5.40
N GLU A 242 23.06 4.69 -5.90
CA GLU A 242 23.93 3.72 -6.57
C GLU A 242 24.36 2.64 -5.57
N VAL A 243 24.41 3.02 -4.29
CA VAL A 243 24.75 2.11 -3.19
C VAL A 243 23.53 1.27 -2.79
N LEU A 244 22.41 1.95 -2.53
CA LEU A 244 21.19 1.25 -2.14
C LEU A 244 20.83 0.21 -3.19
N CYS A 245 20.96 0.59 -4.46
CA CYS A 245 20.49 -0.17 -5.60
C CYS A 245 21.63 -0.86 -6.34
N GLU A 246 22.75 -1.12 -5.65
CA GLU A 246 23.84 -1.90 -6.20
C GLU A 246 23.24 -3.21 -6.74
N ASN A 247 23.61 -3.55 -7.97
CA ASN A 247 23.25 -4.77 -8.65
C ASN A 247 21.86 -4.69 -9.29
N PHE A 248 21.16 -3.56 -9.14
CA PHE A 248 19.85 -3.35 -9.76
C PHE A 248 19.78 -2.00 -10.47
N PRO A 249 20.40 -1.88 -11.67
CA PRO A 249 20.47 -0.60 -12.36
C PRO A 249 19.12 0.05 -12.65
N GLU A 250 18.13 -0.77 -13.01
CA GLU A 250 16.82 -0.24 -13.36
C GLU A 250 16.13 0.32 -12.11
N MET A 251 16.35 -0.30 -10.93
CA MET A 251 15.80 0.23 -9.70
C MET A 251 16.44 1.58 -9.39
N ALA A 252 17.76 1.70 -9.64
CA ALA A 252 18.43 2.97 -9.45
C ALA A 252 17.80 4.04 -10.35
N THR A 253 17.54 3.69 -11.61
CA THR A 253 16.94 4.61 -12.55
C THR A 253 15.54 5.03 -12.11
N TYR A 254 14.76 4.04 -11.66
CA TYR A 254 13.42 4.29 -11.15
C TYR A 254 13.50 5.29 -9.99
N LEU A 255 14.34 4.97 -9.00
CA LEU A 255 14.35 5.74 -7.76
C LEU A 255 14.84 7.16 -8.03
N ARG A 256 15.87 7.32 -8.86
CA ARG A 256 16.35 8.65 -9.20
C ARG A 256 15.25 9.47 -9.88
N TYR A 257 14.55 8.84 -10.83
CA TYR A 257 13.48 9.54 -11.54
C TYR A 257 12.42 10.01 -10.54
N VAL A 258 11.94 9.12 -9.66
CA VAL A 258 10.81 9.51 -8.79
C VAL A 258 11.28 10.52 -7.75
N ARG A 259 12.53 10.41 -7.29
CA ARG A 259 13.06 11.34 -6.29
C ARG A 259 13.17 12.76 -6.87
N ARG A 260 13.32 12.85 -8.21
CA ARG A 260 13.54 14.11 -8.90
C ARG A 260 12.25 14.75 -9.45
N LEU A 261 11.11 14.06 -9.31
CA LEU A 261 9.84 14.65 -9.76
C LEU A 261 9.52 15.90 -8.96
N ASP A 262 8.91 16.86 -9.65
CA ASP A 262 8.33 18.03 -9.02
C ASP A 262 7.04 17.66 -8.27
N PHE A 263 6.71 18.45 -7.23
CA PHE A 263 5.51 18.23 -6.40
C PHE A 263 4.22 18.09 -7.23
N PHE A 264 4.08 18.91 -8.27
CA PHE A 264 2.84 18.95 -9.04
C PHE A 264 2.83 17.98 -10.23
N GLU A 265 4.00 17.39 -10.55
CA GLU A 265 4.23 16.70 -11.83
C GLU A 265 3.47 15.37 -11.90
N LYS A 266 2.86 15.12 -13.06
CA LYS A 266 2.31 13.81 -13.37
C LYS A 266 3.47 12.88 -13.71
N PRO A 267 3.64 11.77 -12.96
CA PRO A 267 4.67 10.79 -13.31
C PRO A 267 4.44 10.19 -14.69
N ASP A 268 5.55 9.80 -15.33
CA ASP A 268 5.50 9.01 -16.54
C ASP A 268 5.42 7.53 -16.16
N TYR A 269 4.19 7.08 -15.84
CA TYR A 269 3.95 5.72 -15.44
C TYR A 269 4.38 4.74 -16.56
N ASP A 270 4.14 5.12 -17.82
CA ASP A 270 4.52 4.27 -18.94
C ASP A 270 6.04 4.04 -18.97
N TYR A 271 6.80 5.11 -18.78
CA TYR A 271 8.26 5.05 -18.73
C TYR A 271 8.71 4.08 -17.62
N LEU A 272 8.13 4.24 -16.43
CA LEU A 272 8.56 3.42 -15.28
C LEU A 272 8.22 1.95 -15.52
N ARG A 273 7.02 1.67 -16.03
CA ARG A 273 6.67 0.30 -16.41
C ARG A 273 7.69 -0.25 -17.42
N LYS A 274 8.01 0.54 -18.45
CA LYS A 274 8.89 0.08 -19.53
C LYS A 274 10.31 -0.22 -19.01
N LEU A 275 10.79 0.53 -18.01
CA LEU A 275 12.09 0.20 -17.40
C LEU A 275 12.06 -1.27 -16.96
N PHE A 276 10.96 -1.63 -16.28
CA PHE A 276 10.86 -2.95 -15.67
C PHE A 276 10.45 -4.03 -16.65
N THR A 277 9.57 -3.74 -17.62
CA THR A 277 9.18 -4.76 -18.59
C THR A 277 10.35 -5.05 -19.55
N ASP A 278 11.09 -4.01 -19.96
CA ASP A 278 12.28 -4.24 -20.78
C ASP A 278 13.28 -5.15 -20.04
N LEU A 279 13.49 -4.88 -18.73
CA LEU A 279 14.39 -5.69 -17.91
C LEU A 279 13.89 -7.14 -17.83
N PHE A 280 12.59 -7.27 -17.54
CA PHE A 280 11.93 -8.56 -17.40
C PHE A 280 12.19 -9.42 -18.64
N ASP A 281 11.96 -8.81 -19.81
CA ASP A 281 12.16 -9.50 -21.07
C ASP A 281 13.65 -9.84 -21.29
N ARG A 282 14.55 -8.89 -20.98
CA ARG A 282 16.00 -9.08 -21.20
C ARG A 282 16.51 -10.28 -20.38
N LYS A 283 15.92 -10.48 -19.20
CA LYS A 283 16.32 -11.54 -18.28
C LYS A 283 15.73 -12.90 -18.68
N GLY A 284 14.80 -12.91 -19.63
CA GLY A 284 14.13 -14.12 -20.11
C GLY A 284 13.05 -14.61 -19.17
N TYR A 285 12.54 -13.72 -18.33
CA TYR A 285 11.49 -14.08 -17.41
C TYR A 285 10.17 -14.15 -18.17
N MET A 286 9.28 -15.04 -17.70
CA MET A 286 7.96 -15.15 -18.26
C MET A 286 6.95 -14.68 -17.21
N PHE A 287 6.01 -13.83 -17.63
CA PHE A 287 4.99 -13.23 -16.71
C PHE A 287 3.85 -14.24 -16.55
N ASP A 288 4.11 -15.21 -15.68
CA ASP A 288 3.28 -16.39 -15.55
C ASP A 288 2.71 -16.50 -14.13
N TYR A 289 2.93 -15.47 -13.32
CA TYR A 289 2.50 -15.40 -11.95
C TYR A 289 3.08 -16.53 -11.08
N GLU A 290 4.20 -17.11 -11.51
CA GLU A 290 4.89 -18.08 -10.67
C GLU A 290 5.82 -17.32 -9.71
N TYR A 291 5.19 -16.68 -8.74
CA TYR A 291 5.89 -15.97 -7.71
C TYR A 291 6.71 -16.95 -6.86
N ASP A 292 7.63 -16.41 -6.06
CA ASP A 292 8.47 -17.21 -5.16
C ASP A 292 7.64 -18.09 -4.21
N TRP A 293 6.47 -17.60 -3.79
CA TRP A 293 5.65 -18.28 -2.77
C TRP A 293 4.79 -19.42 -3.33
N ILE A 294 4.70 -19.55 -4.67
CA ILE A 294 3.88 -20.60 -5.25
C ILE A 294 4.49 -21.95 -4.85
N GLY A 295 3.63 -22.80 -4.29
CA GLY A 295 4.02 -24.15 -3.85
C GLY A 295 4.51 -24.19 -2.42
N LYS A 296 4.40 -23.07 -1.69
CA LYS A 296 4.63 -23.02 -0.26
C LYS A 296 3.27 -22.99 0.46
N GLN A 297 3.26 -23.40 1.72
CA GLN A 297 2.04 -23.41 2.55
C GLN A 297 1.60 -21.96 2.81
C1 EDO B . 4.33 6.35 2.55
O1 EDO B . 3.60 5.81 1.42
C2 EDO B . 5.07 5.23 3.26
O2 EDO B . 4.20 4.37 3.94
C1 EDO C . -5.26 2.85 -14.60
O1 EDO C . -4.26 2.25 -13.77
C2 EDO C . -5.30 4.37 -14.56
O2 EDO C . -5.28 4.95 -15.86
CL CL D . -17.59 -16.80 9.64
C1 EDO E . 2.14 14.28 4.72
O1 EDO E . 3.18 13.39 5.22
C2 EDO E . 1.74 15.24 5.82
O2 EDO E . 1.17 14.52 6.94
C1 EDO F . -20.21 -11.48 -1.69
O1 EDO F . -21.49 -12.10 -1.90
C2 EDO F . -20.11 -11.03 -0.24
O2 EDO F . -20.96 -9.93 0.05
C4 F92 G . -7.96 -7.75 5.10
C5 F92 G . -8.82 -7.43 4.02
C6 F92 G . -9.33 -8.40 3.17
N1 F92 G . -8.90 -9.70 3.41
N3 F92 G . -7.60 -9.04 5.26
CAM F92 G . -3.83 -6.99 6.23
CAK F92 G . -2.88 -8.11 6.35
CAX F92 G . -2.95 -8.79 7.69
OAB F92 G . -1.94 -9.82 7.78
CAL F92 G . -4.27 -9.45 7.88
CAN F92 G . -5.30 -8.37 7.70
CAY F92 G . -5.21 -7.63 6.37
NAZ F92 G . -6.25 -6.66 6.40
CAJ F92 G . -6.11 -5.50 7.09
NAP F92 G . -7.23 -4.81 6.98
CAV F92 G . -8.10 -5.54 6.26
CAT F92 G . -9.34 -5.04 6.09
CAH F92 G . -10.45 -5.87 6.36
CAF F92 G . -11.73 -5.37 6.21
CAR F92 G . -11.96 -4.03 5.83
FAC F92 G . -13.18 -3.51 5.73
CAG F92 G . -10.87 -3.19 5.61
CAI F92 G . -9.58 -3.71 5.73
CAW F92 G . -7.51 -6.73 5.92
C2 F92 G . -8.05 -10.01 4.42
NAA F92 G . -7.64 -11.25 4.61
#